data_7S2K
#
_entry.id   7S2K
#
_cell.length_a   45.730
_cell.length_b   74.243
_cell.length_c   67.989
_cell.angle_alpha   90.000
_cell.angle_beta   96.075
_cell.angle_gamma   90.000
#
_symmetry.space_group_name_H-M   'P 1 21 1'
#
loop_
_entity.id
_entity.type
_entity.pdbx_description
1 polymer Sul2
2 non-polymer 7,8-DIHYDROPTEROATE
3 non-polymer 'PYROPHOSPHATE 2-'
4 non-polymer 'MAGNESIUM ION'
5 non-polymer GLYCEROL
6 non-polymer 'CHLORIDE ION'
7 non-polymer '4-AMINOBENZOIC ACID'
8 water water
#
_entity_poly.entity_id   1
_entity_poly.type   'polypeptide(L)'
_entity_poly.pdbx_seq_one_letter_code
;MNKSLIIFGIVNITSDSFSDGGRYLAPDAAIAQARKLMAEGADVIDLGPASSNPDAAPVSSDTEIARIAPVLDALKADGI
PVSLDSYQPATQAYALSRGVAYLNDIRGFPDAAFYPQLAKSSAKLVVMHSVQDGQADRREAPAGDIMDHIAAFFDARIAA
LTGAGIKRNRLVLDPGMGFFLGAAPETSLSVLARFDELRLRFDLPVLLSVSRKSFLRALTGRGPGDVGAATLAAELAAAA
GGADFIRTHEPRPLRDGLAVLAALKETARIR
;
_entity_poly.pdbx_strand_id   A,B
#
# COMPACT_ATOMS: atom_id res chain seq x y z
N SER A 4 -5.68 6.19 -5.86
CA SER A 4 -5.95 4.78 -6.06
C SER A 4 -7.23 4.38 -5.33
N LEU A 5 -7.24 3.20 -4.73
CA LEU A 5 -8.41 2.76 -3.97
C LEU A 5 -7.95 1.86 -2.83
N ILE A 6 -8.28 2.26 -1.61
CA ILE A 6 -7.89 1.55 -0.41
C ILE A 6 -9.07 0.70 0.06
N ILE A 7 -8.83 -0.58 0.33
CA ILE A 7 -9.87 -1.50 0.75
C ILE A 7 -9.81 -1.68 2.27
N PHE A 8 -10.92 -1.37 2.94
CA PHE A 8 -11.11 -1.68 4.35
C PHE A 8 -11.79 -3.04 4.47
N GLY A 9 -11.18 -3.98 5.14
CA GLY A 9 -11.78 -5.29 5.38
C GLY A 9 -12.50 -5.30 6.71
N ILE A 10 -13.78 -5.66 6.68
CA ILE A 10 -14.63 -5.60 7.86
C ILE A 10 -14.38 -6.81 8.76
N VAL A 11 -13.98 -6.56 10.01
CA VAL A 11 -13.92 -7.61 11.02
C VAL A 11 -14.82 -7.18 12.18
N ASN A 12 -15.96 -7.84 12.32
CA ASN A 12 -16.92 -7.52 13.37
C ASN A 12 -16.65 -8.41 14.57
N ILE A 13 -16.22 -7.82 15.69
CA ILE A 13 -16.06 -8.53 16.95
C ILE A 13 -17.34 -8.34 17.73
N THR A 14 -18.41 -8.99 17.29
CA THR A 14 -19.73 -8.72 17.85
C THR A 14 -20.51 -10.02 17.90
N SER A 15 -21.58 -10.02 18.69
CA SER A 15 -22.49 -11.15 18.70
C SER A 15 -23.61 -11.02 17.66
N ASP A 16 -23.76 -9.84 17.02
CA ASP A 16 -24.97 -9.64 16.25
C ASP A 16 -24.85 -8.71 15.05
N SER A 17 -23.63 -8.44 14.55
CA SER A 17 -23.51 -7.74 13.28
C SER A 17 -24.34 -8.46 12.21
N PHE A 18 -24.90 -7.67 11.29
CA PHE A 18 -26.07 -8.12 10.54
C PHE A 18 -25.78 -9.30 9.63
N SER A 19 -24.56 -9.41 9.10
CA SER A 19 -24.24 -10.46 8.14
C SER A 19 -23.28 -11.51 8.68
N ASP A 20 -22.64 -11.27 9.82
CA ASP A 20 -21.58 -12.14 10.30
C ASP A 20 -21.39 -12.03 11.80
N GLY A 21 -22.48 -11.78 12.52
CA GLY A 21 -22.38 -11.65 13.96
C GLY A 21 -21.89 -12.94 14.60
N GLY A 22 -21.05 -12.79 15.63
CA GLY A 22 -20.52 -13.91 16.37
C GLY A 22 -19.28 -14.54 15.78
N ARG A 23 -19.17 -14.54 14.47
CA ARG A 23 -18.05 -15.20 13.83
C ARG A 23 -16.68 -14.85 14.33
N TYR A 24 -16.39 -13.56 14.57
CA TYR A 24 -15.08 -13.09 14.99
C TYR A 24 -15.14 -12.43 16.36
N LEU A 25 -16.00 -12.98 17.22
CA LEU A 25 -16.16 -12.48 18.59
C LEU A 25 -14.95 -12.81 19.45
N ALA A 26 -14.48 -14.05 19.40
CA ALA A 26 -13.29 -14.41 20.16
C ALA A 26 -12.08 -13.73 19.53
N PRO A 27 -11.18 -13.16 20.34
CA PRO A 27 -10.06 -12.40 19.75
C PRO A 27 -9.25 -13.22 18.77
N ASP A 28 -9.12 -14.52 19.00
CA ASP A 28 -8.38 -15.37 18.07
C ASP A 28 -9.12 -15.50 16.74
N ALA A 29 -10.45 -15.59 16.79
CA ALA A 29 -11.22 -15.63 15.55
C ALA A 29 -11.10 -14.32 14.79
N ALA A 30 -11.18 -13.19 15.52
CA ALA A 30 -11.05 -11.90 14.86
C ALA A 30 -9.66 -11.71 14.26
N ILE A 31 -8.62 -12.12 15.00
CA ILE A 31 -7.26 -12.02 14.49
C ILE A 31 -7.10 -12.88 13.25
N ALA A 32 -7.57 -14.12 13.32
CA ALA A 32 -7.49 -15.02 12.16
C ALA A 32 -8.19 -14.40 10.95
N GLN A 33 -9.37 -13.82 11.15
CA GLN A 33 -10.09 -13.25 10.02
C GLN A 33 -9.35 -12.03 9.46
N ALA A 34 -8.80 -11.20 10.35
CA ALA A 34 -8.07 -10.01 9.92
C ALA A 34 -6.89 -10.36 9.03
N ARG A 35 -6.10 -11.37 9.44
CA ARG A 35 -4.97 -11.77 8.62
C ARG A 35 -5.42 -12.36 7.30
N LYS A 36 -6.47 -13.19 7.33
CA LYS A 36 -7.06 -13.70 6.09
C LYS A 36 -7.47 -12.56 5.16
N LEU A 37 -8.15 -11.55 5.71
CA LEU A 37 -8.64 -10.46 4.87
C LEU A 37 -7.51 -9.67 4.24
N MET A 38 -6.42 -9.46 4.99
CA MET A 38 -5.26 -8.77 4.45
C MET A 38 -4.64 -9.53 3.28
N ALA A 39 -4.53 -10.85 3.40
CA ALA A 39 -4.04 -11.66 2.30
C ALA A 39 -5.00 -11.64 1.12
N GLU A 40 -6.29 -11.48 1.39
CA GLU A 40 -7.29 -11.47 0.32
C GLU A 40 -7.45 -10.11 -0.34
N GLY A 41 -6.72 -9.09 0.11
CA GLY A 41 -6.75 -7.84 -0.61
C GLY A 41 -7.04 -6.61 0.21
N ALA A 42 -7.44 -6.76 1.47
CA ALA A 42 -7.65 -5.59 2.29
C ALA A 42 -6.33 -4.85 2.50
N ASP A 43 -6.41 -3.53 2.57
CA ASP A 43 -5.28 -2.71 2.97
C ASP A 43 -5.35 -2.30 4.43
N VAL A 44 -6.56 -2.26 4.98
CA VAL A 44 -6.81 -1.83 6.35
C VAL A 44 -7.89 -2.76 6.90
N ILE A 45 -7.75 -3.14 8.17
CA ILE A 45 -8.78 -3.91 8.86
C ILE A 45 -9.67 -2.93 9.64
N ASP A 46 -10.94 -2.90 9.27
CA ASP A 46 -11.94 -2.11 9.98
C ASP A 46 -12.52 -2.99 11.07
N LEU A 47 -12.13 -2.73 12.31
CA LEU A 47 -12.47 -3.56 13.45
C LEU A 47 -13.63 -2.93 14.20
N GLY A 48 -14.76 -3.63 14.23
CA GLY A 48 -15.96 -3.11 14.87
C GLY A 48 -16.39 -3.98 16.04
N PRO A 49 -16.27 -3.45 17.26
CA PRO A 49 -16.63 -4.24 18.45
C PRO A 49 -18.11 -4.21 18.80
N ALA A 50 -18.94 -3.46 18.10
CA ALA A 50 -20.37 -3.45 18.35
C ALA A 50 -21.10 -3.21 17.03
N SER A 51 -22.25 -3.86 16.88
CA SER A 51 -23.03 -3.66 15.66
C SER A 51 -23.75 -2.32 15.69
N SER A 52 -23.97 -1.76 14.51
CA SER A 52 -24.77 -0.55 14.37
C SER A 52 -25.90 -0.74 13.36
N ASN A 53 -26.23 -1.98 13.03
CA ASN A 53 -27.36 -2.25 12.17
C ASN A 53 -28.66 -1.99 12.95
N PRO A 54 -29.80 -1.88 12.25
CA PRO A 54 -31.03 -1.46 12.96
C PRO A 54 -31.41 -2.34 14.14
N ASP A 55 -31.20 -3.65 14.04
CA ASP A 55 -31.62 -4.56 15.10
C ASP A 55 -30.51 -4.84 16.11
N ALA A 56 -29.42 -4.07 16.06
CA ALA A 56 -28.27 -4.28 16.93
C ALA A 56 -28.59 -3.89 18.37
N ALA A 57 -27.79 -4.43 19.29
CA ALA A 57 -27.85 -4.06 20.70
C ALA A 57 -26.51 -3.50 21.15
N PRO A 58 -26.49 -2.33 21.79
CA PRO A 58 -25.22 -1.72 22.19
C PRO A 58 -24.62 -2.35 23.44
N VAL A 59 -23.31 -2.14 23.59
CA VAL A 59 -22.57 -2.56 24.78
C VAL A 59 -21.78 -1.38 25.33
N SER A 60 -21.34 -1.51 26.58
CA SER A 60 -20.54 -0.51 27.25
C SER A 60 -19.20 -0.32 26.54
N SER A 61 -18.60 0.86 26.72
CA SER A 61 -17.26 1.08 26.17
C SER A 61 -16.25 0.12 26.80
N ASP A 62 -16.42 -0.23 28.08
CA ASP A 62 -15.54 -1.22 28.70
C ASP A 62 -15.54 -2.51 27.91
N THR A 63 -16.71 -2.94 27.45
CA THR A 63 -16.80 -4.18 26.69
C THR A 63 -16.20 -4.02 25.30
N GLU A 64 -16.44 -2.89 24.64
CA GLU A 64 -15.81 -2.65 23.35
C GLU A 64 -14.30 -2.70 23.45
N ILE A 65 -13.74 -2.08 24.49
CA ILE A 65 -12.28 -2.07 24.65
C ILE A 65 -11.77 -3.48 24.92
N ALA A 66 -12.46 -4.24 25.79
CA ALA A 66 -12.05 -5.61 26.05
C ALA A 66 -12.10 -6.47 24.80
N ARG A 67 -13.03 -6.19 23.90
CA ARG A 67 -13.11 -6.97 22.67
C ARG A 67 -11.98 -6.62 21.71
N ILE A 68 -11.61 -5.34 21.63
CA ILE A 68 -10.62 -4.95 20.62
C ILE A 68 -9.19 -5.08 21.13
N ALA A 69 -8.97 -5.00 22.46
CA ALA A 69 -7.61 -4.86 22.96
C ALA A 69 -6.68 -5.98 22.52
N PRO A 70 -7.02 -7.27 22.66
CA PRO A 70 -6.10 -8.31 22.17
C PRO A 70 -5.97 -8.33 20.67
N VAL A 71 -7.00 -7.90 19.95
CA VAL A 71 -6.93 -7.88 18.48
C VAL A 71 -5.99 -6.78 18.01
N LEU A 72 -6.06 -5.60 18.64
CA LEU A 72 -5.14 -4.52 18.31
C LEU A 72 -3.70 -4.90 18.63
N ASP A 73 -3.49 -5.58 19.76
CA ASP A 73 -2.16 -6.09 20.09
C ASP A 73 -1.59 -6.89 18.93
N ALA A 74 -2.40 -7.82 18.39
CA ALA A 74 -1.92 -8.72 17.36
C ALA A 74 -1.68 -7.97 16.05
N LEU A 75 -2.66 -7.16 15.63
CA LEU A 75 -2.52 -6.49 14.34
C LEU A 75 -1.43 -5.44 14.36
N LYS A 76 -1.23 -4.77 15.49
CA LYS A 76 -0.11 -3.83 15.61
C LYS A 76 1.22 -4.55 15.49
N ALA A 77 1.38 -5.68 16.20
CA ALA A 77 2.59 -6.48 16.06
C ALA A 77 2.76 -6.97 14.62
N ASP A 78 1.65 -7.34 13.97
CA ASP A 78 1.68 -7.82 12.59
C ASP A 78 1.92 -6.71 11.58
N GLY A 79 1.89 -5.44 11.98
CA GLY A 79 1.97 -4.36 11.02
C GLY A 79 0.76 -4.21 10.14
N ILE A 80 -0.40 -4.63 10.62
CA ILE A 80 -1.66 -4.57 9.86
C ILE A 80 -2.38 -3.28 10.24
N PRO A 81 -2.62 -2.35 9.29
CA PRO A 81 -3.29 -1.10 9.66
C PRO A 81 -4.73 -1.34 10.10
N VAL A 82 -5.15 -0.60 11.12
CA VAL A 82 -6.43 -0.81 11.77
C VAL A 82 -7.23 0.49 11.72
N SER A 83 -8.50 0.36 11.33
CA SER A 83 -9.50 1.39 11.53
C SER A 83 -10.44 0.89 12.61
N LEU A 84 -10.66 1.71 13.65
CA LEU A 84 -11.57 1.33 14.72
C LEU A 84 -12.96 1.86 14.38
N ASP A 85 -13.90 0.94 14.14
CA ASP A 85 -15.30 1.28 13.89
C ASP A 85 -16.03 1.28 15.21
N SER A 86 -16.07 2.45 15.86
CA SER A 86 -16.82 2.62 17.09
C SER A 86 -17.33 4.05 17.13
N TYR A 87 -18.53 4.23 17.69
CA TYR A 87 -19.05 5.58 17.91
C TYR A 87 -18.87 6.07 19.34
N GLN A 88 -18.27 5.25 20.21
CA GLN A 88 -18.16 5.63 21.61
C GLN A 88 -16.86 6.36 21.86
N PRO A 89 -16.88 7.59 22.37
CA PRO A 89 -15.62 8.33 22.54
C PRO A 89 -14.61 7.65 23.45
N ALA A 90 -15.06 6.94 24.49
CA ALA A 90 -14.10 6.25 25.35
C ALA A 90 -13.36 5.17 24.57
N THR A 91 -14.08 4.39 23.77
CA THR A 91 -13.42 3.40 22.92
C THR A 91 -12.50 4.06 21.92
N GLN A 92 -12.94 5.17 21.32
CA GLN A 92 -12.09 5.89 20.37
C GLN A 92 -10.81 6.40 21.05
N ALA A 93 -10.94 6.90 22.29
CA ALA A 93 -9.76 7.37 23.01
C ALA A 93 -8.79 6.23 23.27
N TYR A 94 -9.29 5.06 23.66
CA TYR A 94 -8.42 3.91 23.84
C TYR A 94 -7.67 3.58 22.56
N ALA A 95 -8.39 3.56 21.43
CA ALA A 95 -7.76 3.22 20.17
C ALA A 95 -6.69 4.24 19.79
N LEU A 96 -6.96 5.53 20.00
CA LEU A 96 -5.95 6.54 19.72
C LEU A 96 -4.69 6.30 20.54
N SER A 97 -4.83 5.89 21.80
CA SER A 97 -3.64 5.64 22.62
C SER A 97 -2.85 4.43 22.16
N ARG A 98 -3.46 3.55 21.35
CA ARG A 98 -2.76 2.41 20.79
C ARG A 98 -2.22 2.70 19.38
N GLY A 99 -2.40 3.90 18.87
CA GLY A 99 -1.85 4.27 17.58
C GLY A 99 -2.52 3.67 16.38
N VAL A 100 -3.86 3.58 16.38
CA VAL A 100 -4.55 3.06 15.21
C VAL A 100 -4.43 4.05 14.05
N ALA A 101 -4.55 3.53 12.84
CA ALA A 101 -4.42 4.34 11.64
C ALA A 101 -5.65 5.19 11.38
N TYR A 102 -6.84 4.67 11.70
CA TYR A 102 -8.09 5.39 11.48
C TYR A 102 -9.05 5.20 12.63
N LEU A 103 -9.90 6.20 12.83
CA LEU A 103 -11.14 6.07 13.57
C LEU A 103 -12.28 6.15 12.55
N ASN A 104 -13.25 5.24 12.69
CA ASN A 104 -14.42 5.18 11.82
C ASN A 104 -15.64 5.37 12.70
N ASP A 105 -16.28 6.53 12.61
CA ASP A 105 -17.41 6.87 13.48
C ASP A 105 -18.67 7.00 12.64
N ILE A 106 -19.62 6.09 12.85
CA ILE A 106 -20.88 6.19 12.15
C ILE A 106 -21.67 7.43 12.55
N ARG A 107 -21.29 8.09 13.65
CA ARG A 107 -21.86 9.37 14.05
C ARG A 107 -21.06 10.57 13.57
N GLY A 108 -19.90 10.34 12.96
CA GLY A 108 -19.15 11.43 12.36
C GLY A 108 -18.51 12.37 13.35
N PHE A 109 -18.13 11.88 14.54
CA PHE A 109 -17.47 12.67 15.57
C PHE A 109 -18.31 13.88 15.93
N PRO A 110 -19.48 13.67 16.56
CA PRO A 110 -20.37 14.78 16.90
C PRO A 110 -20.11 15.39 18.27
N ASP A 111 -19.19 14.83 19.04
CA ASP A 111 -19.02 15.20 20.45
C ASP A 111 -17.87 16.18 20.55
N ALA A 112 -18.20 17.47 20.70
CA ALA A 112 -17.18 18.50 20.73
C ALA A 112 -16.26 18.37 21.95
N ALA A 113 -16.74 17.75 23.04
CA ALA A 113 -15.90 17.56 24.21
C ALA A 113 -14.74 16.61 23.93
N PHE A 114 -14.85 15.78 22.90
CA PHE A 114 -13.78 14.88 22.52
C PHE A 114 -12.82 15.49 21.51
N TYR A 115 -13.16 16.66 20.95
CA TYR A 115 -12.33 17.23 19.89
C TYR A 115 -10.90 17.52 20.33
N PRO A 116 -10.64 18.02 21.54
CA PRO A 116 -9.23 18.17 21.96
C PRO A 116 -8.41 16.89 21.83
N GLN A 117 -8.98 15.74 22.16
CA GLN A 117 -8.23 14.50 22.02
C GLN A 117 -8.05 14.11 20.57
N LEU A 118 -9.10 14.26 19.76
CA LEU A 118 -8.99 14.02 18.33
C LEU A 118 -7.88 14.86 17.71
N ALA A 119 -7.76 16.11 18.16
CA ALA A 119 -6.80 17.03 17.54
C ALA A 119 -5.36 16.65 17.86
N LYS A 120 -5.10 16.03 19.01
CA LYS A 120 -3.73 15.69 19.38
C LYS A 120 -3.22 14.44 18.67
N SER A 121 -4.06 13.69 17.99
CA SER A 121 -3.68 12.45 17.34
C SER A 121 -3.36 12.69 15.86
N SER A 122 -2.70 11.70 15.26
CA SER A 122 -2.45 11.70 13.83
C SER A 122 -3.40 10.79 13.07
N ALA A 123 -4.21 10.00 13.77
CA ALA A 123 -5.12 9.07 13.12
C ALA A 123 -6.02 9.80 12.13
N LYS A 124 -6.24 9.17 10.98
CA LYS A 124 -7.23 9.71 10.07
C LYS A 124 -8.62 9.37 10.57
N LEU A 125 -9.60 10.17 10.16
CA LEU A 125 -10.95 10.11 10.69
C LEU A 125 -11.93 9.89 9.55
N VAL A 126 -12.62 8.76 9.58
CA VAL A 126 -13.68 8.50 8.61
C VAL A 126 -14.97 9.07 9.21
N VAL A 127 -15.41 10.18 8.64
CA VAL A 127 -16.55 10.94 9.12
C VAL A 127 -17.78 10.49 8.35
N MET A 128 -18.68 9.76 9.01
CA MET A 128 -19.83 9.22 8.30
C MET A 128 -21.08 10.06 8.54
N HIS A 129 -21.85 10.26 7.47
CA HIS A 129 -23.17 10.87 7.54
C HIS A 129 -24.23 9.80 7.69
N SER A 130 -25.25 10.11 8.50
CA SER A 130 -26.43 9.27 8.57
C SER A 130 -27.63 10.16 8.82
N VAL A 131 -28.81 9.69 8.42
CA VAL A 131 -30.01 10.42 8.79
C VAL A 131 -30.39 10.17 10.25
N GLN A 132 -29.85 9.10 10.86
CA GLN A 132 -30.10 8.81 12.28
C GLN A 132 -29.20 9.60 13.22
N ASP A 133 -28.02 10.01 12.75
CA ASP A 133 -26.95 10.51 13.60
C ASP A 133 -26.55 9.49 14.66
N GLY A 134 -26.61 8.21 14.32
CA GLY A 134 -26.31 7.17 15.29
C GLY A 134 -26.54 5.79 14.71
N GLN A 135 -26.96 4.86 15.56
CA GLN A 135 -27.27 3.51 15.08
C GLN A 135 -28.37 3.58 14.03
N ALA A 136 -28.28 2.71 13.03
CA ALA A 136 -29.25 2.74 11.94
C ALA A 136 -30.65 2.40 12.43
N ASP A 137 -31.64 2.86 11.68
CA ASP A 137 -33.03 2.45 11.86
C ASP A 137 -33.73 2.56 10.51
N ARG A 138 -35.05 2.37 10.49
CA ARG A 138 -35.79 2.23 9.25
C ARG A 138 -36.73 3.41 8.98
N ARG A 139 -36.38 4.60 9.46
CA ARG A 139 -37.09 5.81 9.09
C ARG A 139 -36.81 6.17 7.63
N GLU A 140 -37.47 7.20 7.13
CA GLU A 140 -37.17 7.63 5.77
C GLU A 140 -36.31 8.90 5.78
N ALA A 141 -35.61 9.11 4.67
CA ALA A 141 -34.71 10.23 4.51
C ALA A 141 -35.51 11.53 4.39
N PRO A 142 -34.89 12.67 4.69
CA PRO A 142 -35.61 13.95 4.53
C PRO A 142 -35.95 14.18 3.07
N ALA A 143 -37.02 14.94 2.84
CA ALA A 143 -37.41 15.29 1.49
C ALA A 143 -36.36 16.20 0.85
N GLY A 144 -36.33 16.19 -0.47
CA GLY A 144 -35.37 16.97 -1.22
C GLY A 144 -34.20 16.16 -1.74
N ASP A 145 -33.15 16.86 -2.11
CA ASP A 145 -31.96 16.25 -2.72
C ASP A 145 -31.05 15.73 -1.61
N ILE A 146 -30.93 14.40 -1.51
CA ILE A 146 -30.11 13.80 -0.45
C ILE A 146 -28.68 14.31 -0.50
N MET A 147 -28.16 14.61 -1.70
CA MET A 147 -26.77 15.10 -1.77
C MET A 147 -26.65 16.49 -1.16
N ASP A 148 -27.72 17.30 -1.22
CA ASP A 148 -27.72 18.57 -0.50
C ASP A 148 -27.66 18.36 1.00
N HIS A 149 -28.46 17.41 1.52
CA HIS A 149 -28.46 17.14 2.95
C HIS A 149 -27.11 16.65 3.42
N ILE A 150 -26.47 15.78 2.64
CA ILE A 150 -25.17 15.24 3.03
C ILE A 150 -24.09 16.33 2.99
N ALA A 151 -24.12 17.17 1.95
CA ALA A 151 -23.12 18.24 1.86
C ALA A 151 -23.27 19.23 3.00
N ALA A 152 -24.52 19.54 3.38
CA ALA A 152 -24.75 20.46 4.50
C ALA A 152 -24.23 19.88 5.80
N PHE A 153 -24.39 18.57 5.99
CA PHE A 153 -23.82 17.91 7.16
C PHE A 153 -22.30 18.03 7.17
N PHE A 154 -21.66 17.73 6.04
CA PHE A 154 -20.20 17.76 6.00
C PHE A 154 -19.67 19.18 6.08
N ASP A 155 -20.35 20.14 5.52
CA ASP A 155 -19.94 21.50 5.65
C ASP A 155 -19.86 21.91 7.10
N ALA A 156 -20.89 21.61 7.86
CA ALA A 156 -20.89 22.01 9.27
C ALA A 156 -19.92 21.18 10.09
N ARG A 157 -19.89 19.86 9.87
CA ARG A 157 -19.03 19.01 10.69
C ARG A 157 -17.56 19.21 10.36
N ILE A 158 -17.21 19.41 9.09
CA ILE A 158 -15.81 19.69 8.75
C ILE A 158 -15.37 21.01 9.38
N ALA A 159 -16.24 22.03 9.34
CA ALA A 159 -15.87 23.31 9.92
C ALA A 159 -15.68 23.19 11.43
N ALA A 160 -16.52 22.38 12.08
CA ALA A 160 -16.40 22.16 13.52
C ALA A 160 -15.11 21.43 13.85
N LEU A 161 -14.82 20.36 13.11
CA LEU A 161 -13.61 19.58 13.35
C LEU A 161 -12.35 20.39 13.07
N THR A 162 -12.28 21.02 11.89
CA THR A 162 -11.07 21.79 11.57
C THR A 162 -10.95 23.01 12.47
N GLY A 163 -12.06 23.57 12.94
CA GLY A 163 -12.00 24.67 13.87
C GLY A 163 -11.43 24.31 15.22
N ALA A 164 -11.49 23.03 15.59
CA ALA A 164 -10.94 22.54 16.86
C ALA A 164 -9.54 21.97 16.70
N GLY A 165 -8.92 22.13 15.54
CA GLY A 165 -7.54 21.72 15.35
C GLY A 165 -7.34 20.36 14.72
N ILE A 166 -8.40 19.71 14.23
CA ILE A 166 -8.25 18.50 13.45
C ILE A 166 -7.99 18.91 12.01
N LYS A 167 -6.81 18.59 11.50
CA LYS A 167 -6.41 19.09 10.19
C LYS A 167 -7.27 18.49 9.10
N ARG A 168 -7.61 19.33 8.11
CA ARG A 168 -8.52 18.92 7.05
C ARG A 168 -8.06 17.63 6.38
N ASN A 169 -6.74 17.48 6.15
CA ASN A 169 -6.29 16.33 5.39
C ASN A 169 -6.34 15.02 6.19
N ARG A 170 -6.70 15.06 7.46
CA ARG A 170 -6.95 13.80 8.17
C ARG A 170 -8.31 13.22 7.85
N LEU A 171 -9.18 13.96 7.15
CA LEU A 171 -10.58 13.60 7.04
C LEU A 171 -10.87 12.76 5.81
N VAL A 172 -11.71 11.74 6.00
CA VAL A 172 -12.26 10.91 4.94
C VAL A 172 -13.77 10.97 5.09
N LEU A 173 -14.49 11.20 3.99
CA LEU A 173 -15.93 11.40 4.06
C LEU A 173 -16.67 10.13 3.63
N ASP A 174 -17.61 9.69 4.47
CA ASP A 174 -18.50 8.56 4.15
C ASP A 174 -19.92 9.07 4.14
N PRO A 175 -20.60 9.08 2.99
CA PRO A 175 -21.95 9.68 2.92
C PRO A 175 -23.02 8.88 3.62
N GLY A 176 -22.71 7.67 4.09
CA GLY A 176 -23.73 6.78 4.57
C GLY A 176 -24.29 5.92 3.45
N MET A 177 -24.90 4.81 3.84
CA MET A 177 -25.39 3.85 2.86
C MET A 177 -26.43 2.96 3.55
N GLY A 178 -27.37 2.46 2.75
CA GLY A 178 -28.39 1.57 3.31
C GLY A 178 -29.29 2.31 4.29
N PHE A 179 -29.59 1.64 5.41
CA PHE A 179 -30.54 2.24 6.35
C PHE A 179 -29.99 3.51 6.99
N PHE A 180 -28.68 3.76 6.91
CA PHE A 180 -28.16 5.07 7.35
C PHE A 180 -28.69 6.19 6.48
N LEU A 181 -29.22 5.89 5.31
CA LEU A 181 -29.83 6.88 4.43
C LEU A 181 -31.35 6.74 4.41
N GLY A 182 -31.92 6.01 5.35
CA GLY A 182 -33.36 5.79 5.38
C GLY A 182 -33.75 4.49 4.70
N ALA A 183 -35.07 4.25 4.71
CA ALA A 183 -35.63 2.97 4.33
C ALA A 183 -35.75 2.76 2.82
N ALA A 184 -35.57 3.80 2.02
CA ALA A 184 -35.83 3.70 0.58
C ALA A 184 -34.56 3.30 -0.16
N PRO A 185 -34.56 2.21 -0.92
CA PRO A 185 -33.36 1.87 -1.71
C PRO A 185 -32.96 2.95 -2.69
N GLU A 186 -33.92 3.73 -3.18
CA GLU A 186 -33.62 4.81 -4.11
C GLU A 186 -32.59 5.79 -3.52
N THR A 187 -32.65 6.03 -2.21
CA THR A 187 -31.73 6.98 -1.59
C THR A 187 -30.30 6.45 -1.62
N SER A 188 -30.11 5.17 -1.29
CA SER A 188 -28.79 4.56 -1.38
C SER A 188 -28.28 4.58 -2.82
N LEU A 189 -29.17 4.32 -3.78
CA LEU A 189 -28.75 4.30 -5.17
C LEU A 189 -28.37 5.70 -5.65
N SER A 190 -29.06 6.74 -5.16
CA SER A 190 -28.67 8.10 -5.50
C SER A 190 -27.27 8.41 -4.98
N VAL A 191 -26.98 8.00 -3.74
CA VAL A 191 -25.67 8.31 -3.16
C VAL A 191 -24.57 7.50 -3.85
N LEU A 192 -24.85 6.23 -4.16
CA LEU A 192 -23.86 5.45 -4.90
C LEU A 192 -23.59 6.04 -6.27
N ALA A 193 -24.60 6.66 -6.89
CA ALA A 193 -24.43 7.25 -8.22
C ALA A 193 -23.78 8.61 -8.17
N ARG A 194 -23.92 9.36 -7.08
CA ARG A 194 -23.62 10.79 -7.09
C ARG A 194 -22.61 11.23 -6.03
N PHE A 195 -21.93 10.30 -5.36
CA PHE A 195 -20.96 10.72 -4.35
C PHE A 195 -19.78 11.49 -4.96
N ASP A 196 -19.58 11.44 -6.29
CA ASP A 196 -18.51 12.25 -6.86
C ASP A 196 -18.75 13.74 -6.65
N GLU A 197 -20.01 14.15 -6.48
CA GLU A 197 -20.28 15.54 -6.16
C GLU A 197 -19.68 15.93 -4.82
N LEU A 198 -19.55 14.98 -3.89
CA LEU A 198 -18.89 15.28 -2.63
C LEU A 198 -17.38 15.38 -2.80
N ARG A 199 -16.78 14.45 -3.54
CA ARG A 199 -15.35 14.51 -3.81
C ARG A 199 -14.97 15.85 -4.39
N LEU A 200 -15.75 16.33 -5.37
CA LEU A 200 -15.41 17.55 -6.08
C LEU A 200 -15.67 18.77 -5.21
N ARG A 201 -16.77 18.78 -4.47
CA ARG A 201 -17.07 19.95 -3.65
C ARG A 201 -16.08 20.12 -2.51
N PHE A 202 -15.75 19.04 -1.81
CA PHE A 202 -14.92 19.12 -0.62
C PHE A 202 -13.44 18.86 -0.87
N ASP A 203 -13.07 18.36 -2.05
CA ASP A 203 -11.70 17.96 -2.35
C ASP A 203 -11.15 17.07 -1.24
N LEU A 204 -11.96 16.12 -0.81
CA LEU A 204 -11.58 15.15 0.20
C LEU A 204 -11.93 13.76 -0.29
N PRO A 205 -11.17 12.75 0.12
CA PRO A 205 -11.49 11.38 -0.29
C PRO A 205 -12.81 10.91 0.29
N VAL A 206 -13.47 10.00 -0.43
CA VAL A 206 -14.76 9.47 -0.03
C VAL A 206 -14.64 7.96 0.15
N LEU A 207 -15.24 7.46 1.22
CA LEU A 207 -15.34 6.04 1.52
C LEU A 207 -16.78 5.58 1.36
N LEU A 208 -16.98 4.43 0.72
CA LEU A 208 -18.30 3.85 0.59
C LEU A 208 -18.31 2.47 1.21
N SER A 209 -19.39 2.14 1.93
CA SER A 209 -19.61 0.78 2.42
C SER A 209 -20.99 0.34 1.98
N VAL A 210 -21.07 -0.36 0.85
CA VAL A 210 -22.32 -0.96 0.42
C VAL A 210 -22.42 -2.44 0.81
N SER A 211 -21.33 -3.06 1.28
CA SER A 211 -21.25 -4.51 1.39
C SER A 211 -22.42 -5.09 2.16
N ARG A 212 -23.18 -5.94 1.45
CA ARG A 212 -24.26 -6.78 1.98
C ARG A 212 -25.44 -6.00 2.51
N LYS A 213 -25.54 -4.69 2.24
CA LYS A 213 -26.61 -3.92 2.84
C LYS A 213 -27.96 -4.28 2.21
N SER A 214 -29.03 -4.07 2.98
CA SER A 214 -30.34 -4.60 2.62
C SER A 214 -30.87 -4.05 1.29
N PHE A 215 -30.49 -2.82 0.92
CA PHE A 215 -31.05 -2.28 -0.31
C PHE A 215 -30.64 -3.11 -1.51
N LEU A 216 -29.52 -3.83 -1.43
CA LEU A 216 -29.13 -4.71 -2.51
C LEU A 216 -30.04 -5.92 -2.62
N ARG A 217 -30.56 -6.41 -1.50
CA ARG A 217 -31.52 -7.52 -1.56
C ARG A 217 -32.83 -7.07 -2.18
N ALA A 218 -33.23 -5.82 -1.92
CA ALA A 218 -34.47 -5.31 -2.49
C ALA A 218 -34.38 -5.22 -4.01
N LEU A 219 -33.21 -4.88 -4.55
CA LEU A 219 -33.06 -4.77 -5.99
C LEU A 219 -32.99 -6.13 -6.68
N THR A 220 -32.46 -7.14 -6.01
CA THR A 220 -32.27 -8.44 -6.63
C THR A 220 -33.35 -9.45 -6.26
N GLY A 221 -34.17 -9.15 -5.26
CA GLY A 221 -35.19 -10.07 -4.82
C GLY A 221 -34.68 -11.27 -4.06
N ARG A 222 -33.49 -11.16 -3.49
CA ARG A 222 -32.76 -12.31 -2.97
C ARG A 222 -32.66 -12.25 -1.44
N GLY A 223 -32.29 -13.39 -0.87
CA GLY A 223 -32.24 -13.56 0.57
C GLY A 223 -30.91 -13.15 1.18
N PRO A 224 -30.83 -13.25 2.51
CA PRO A 224 -29.72 -12.61 3.24
C PRO A 224 -28.31 -13.04 2.83
N GLY A 225 -28.09 -14.32 2.54
CA GLY A 225 -26.74 -14.74 2.19
C GLY A 225 -26.48 -14.82 0.69
N ASP A 226 -27.30 -14.13 -0.09
CA ASP A 226 -27.29 -14.26 -1.54
C ASP A 226 -26.87 -12.97 -2.24
N VAL A 227 -26.12 -12.10 -1.57
CA VAL A 227 -25.93 -10.74 -2.06
C VAL A 227 -24.47 -10.45 -2.42
N GLY A 228 -23.66 -11.49 -2.60
CA GLY A 228 -22.28 -11.28 -2.99
C GLY A 228 -22.14 -10.67 -4.38
N ALA A 229 -22.91 -11.16 -5.34
CA ALA A 229 -22.81 -10.64 -6.71
C ALA A 229 -23.30 -9.20 -6.78
N ALA A 230 -24.42 -8.90 -6.12
CA ALA A 230 -24.93 -7.53 -6.11
C ALA A 230 -23.95 -6.60 -5.41
N THR A 231 -23.32 -7.07 -4.33
CA THR A 231 -22.32 -6.28 -3.63
C THR A 231 -21.15 -5.93 -4.54
N LEU A 232 -20.62 -6.94 -5.24
CA LEU A 232 -19.49 -6.70 -6.15
C LEU A 232 -19.86 -5.69 -7.22
N ALA A 233 -21.04 -5.85 -7.82
CA ALA A 233 -21.47 -4.89 -8.85
C ALA A 233 -21.54 -3.48 -8.28
N ALA A 234 -22.10 -3.33 -7.08
CA ALA A 234 -22.20 -2.00 -6.49
C ALA A 234 -20.82 -1.45 -6.14
N GLU A 235 -19.93 -2.32 -5.64
CA GLU A 235 -18.58 -1.88 -5.29
C GLU A 235 -17.79 -1.46 -6.52
N LEU A 236 -17.90 -2.22 -7.61
CA LEU A 236 -17.20 -1.82 -8.84
C LEU A 236 -17.79 -0.54 -9.44
N ALA A 237 -19.10 -0.34 -9.31
CA ALA A 237 -19.69 0.91 -9.77
C ALA A 237 -19.18 2.08 -8.93
N ALA A 238 -18.98 1.85 -7.63
CA ALA A 238 -18.39 2.88 -6.77
C ALA A 238 -16.95 3.15 -7.16
N ALA A 239 -16.18 2.11 -7.45
CA ALA A 239 -14.80 2.30 -7.91
C ALA A 239 -14.77 3.09 -9.21
N ALA A 240 -15.62 2.73 -10.16
CA ALA A 240 -15.67 3.44 -11.44
C ALA A 240 -16.12 4.88 -11.25
N GLY A 241 -16.94 5.14 -10.23
CA GLY A 241 -17.34 6.49 -9.89
C GLY A 241 -16.30 7.31 -9.16
N GLY A 242 -15.17 6.70 -8.80
CA GLY A 242 -14.08 7.43 -8.18
C GLY A 242 -13.92 7.24 -6.68
N ALA A 243 -14.59 6.26 -6.08
CA ALA A 243 -14.44 6.05 -4.65
C ALA A 243 -12.98 5.85 -4.27
N ASP A 244 -12.57 6.49 -3.19
CA ASP A 244 -11.19 6.41 -2.72
C ASP A 244 -10.98 5.28 -1.73
N PHE A 245 -12.04 4.92 -1.02
CA PHE A 245 -12.04 3.81 -0.08
C PHE A 245 -13.29 2.98 -0.30
N ILE A 246 -13.16 1.67 -0.18
CA ILE A 246 -14.32 0.79 -0.12
C ILE A 246 -14.17 -0.11 1.09
N ARG A 247 -15.21 -0.14 1.92
CA ARG A 247 -15.24 -0.96 3.12
C ARG A 247 -16.11 -2.18 2.83
N THR A 248 -15.54 -3.37 2.97
CA THR A 248 -16.22 -4.54 2.47
C THR A 248 -15.94 -5.77 3.34
N HIS A 249 -16.88 -6.72 3.30
CA HIS A 249 -16.71 -7.98 3.99
C HIS A 249 -15.80 -8.94 3.24
N GLU A 250 -15.73 -8.82 1.91
CA GLU A 250 -15.04 -9.78 1.05
C GLU A 250 -14.10 -9.05 0.10
N PRO A 251 -12.87 -8.79 0.53
CA PRO A 251 -11.93 -8.03 -0.33
C PRO A 251 -11.49 -8.79 -1.56
N ARG A 252 -11.46 -10.12 -1.51
CA ARG A 252 -10.91 -10.86 -2.63
C ARG A 252 -11.72 -10.71 -3.90
N PRO A 253 -13.05 -10.90 -3.89
CA PRO A 253 -13.82 -10.62 -5.12
C PRO A 253 -13.68 -9.19 -5.58
N LEU A 254 -13.60 -8.26 -4.62
CA LEU A 254 -13.41 -6.86 -4.97
C LEU A 254 -12.04 -6.64 -5.62
N ARG A 255 -10.98 -7.18 -5.01
CA ARG A 255 -9.65 -7.06 -5.59
C ARG A 255 -9.61 -7.61 -7.01
N ASP A 256 -10.20 -8.80 -7.22
CA ASP A 256 -10.22 -9.38 -8.56
C ASP A 256 -10.99 -8.51 -9.53
N GLY A 257 -12.12 -7.95 -9.10
CA GLY A 257 -12.90 -7.08 -9.98
C GLY A 257 -12.17 -5.78 -10.30
N LEU A 258 -11.49 -5.21 -9.32
CA LEU A 258 -10.70 -4.01 -9.54
C LEU A 258 -9.51 -4.30 -10.45
N ALA A 259 -8.94 -5.51 -10.37
CA ALA A 259 -7.85 -5.87 -11.26
C ALA A 259 -8.33 -5.87 -12.71
N VAL A 260 -9.55 -6.36 -12.96
CA VAL A 260 -10.09 -6.36 -14.31
C VAL A 260 -10.33 -4.94 -14.78
N LEU A 261 -10.97 -4.11 -13.94
CA LEU A 261 -11.28 -2.75 -14.37
C LEU A 261 -10.01 -1.93 -14.58
N ALA A 262 -9.03 -2.08 -13.69
CA ALA A 262 -7.77 -1.37 -13.86
C ALA A 262 -7.05 -1.79 -15.13
N ALA A 263 -7.01 -3.10 -15.39
CA ALA A 263 -6.34 -3.58 -16.59
C ALA A 263 -7.04 -3.11 -17.86
N LEU A 264 -8.38 -3.08 -17.83
CA LEU A 264 -9.14 -2.50 -18.93
C LEU A 264 -8.76 -1.04 -19.14
N LYS A 265 -8.71 -0.27 -18.04
CA LYS A 265 -8.34 1.14 -18.16
C LYS A 265 -6.96 1.32 -18.75
N GLU A 266 -5.96 0.63 -18.19
CA GLU A 266 -4.60 0.74 -18.69
C GLU A 266 -4.52 0.32 -20.16
N THR A 267 -5.25 -0.73 -20.53
CA THR A 267 -5.22 -1.23 -21.90
C THR A 267 -5.80 -0.20 -22.86
N ALA A 268 -6.82 0.55 -22.44
CA ALA A 268 -7.47 1.52 -23.29
C ALA A 268 -6.72 2.84 -23.38
N ARG A 269 -5.80 3.10 -22.45
CA ARG A 269 -5.10 4.38 -22.42
C ARG A 269 -4.36 4.63 -23.72
N ILE A 270 -4.45 5.88 -24.20
CA ILE A 270 -3.76 6.29 -25.40
C ILE A 270 -2.50 7.08 -25.07
N ARG A 271 -2.39 7.54 -23.82
CA ARG A 271 -1.17 8.04 -23.23
C ARG A 271 -0.88 9.40 -23.90
N MET B 1 8.85 12.17 -10.94
CA MET B 1 7.39 12.18 -10.92
C MET B 1 6.86 12.44 -9.51
N ASN B 2 5.55 12.67 -9.37
CA ASN B 2 5.03 13.07 -8.06
C ASN B 2 4.93 11.90 -7.08
N LYS B 3 4.69 10.68 -7.57
CA LYS B 3 4.56 9.45 -6.76
C LYS B 3 5.49 9.42 -5.55
N SER B 4 4.95 9.05 -4.38
CA SER B 4 5.77 9.04 -3.16
C SER B 4 6.72 7.82 -3.15
N LEU B 5 7.65 7.82 -2.18
CA LEU B 5 8.75 6.85 -2.13
C LEU B 5 8.24 5.42 -2.12
N ILE B 6 8.73 4.62 -3.05
CA ILE B 6 8.37 3.21 -3.14
C ILE B 6 9.52 2.38 -2.59
N ILE B 7 9.21 1.47 -1.65
CA ILE B 7 10.22 0.64 -1.00
C ILE B 7 10.13 -0.77 -1.56
N PHE B 8 11.27 -1.30 -2.01
CA PHE B 8 11.43 -2.70 -2.40
C PHE B 8 11.99 -3.45 -1.20
N GLY B 9 11.31 -4.46 -0.73
CA GLY B 9 11.80 -5.28 0.38
C GLY B 9 12.53 -6.49 -0.16
N ILE B 10 13.77 -6.69 0.32
CA ILE B 10 14.65 -7.70 -0.24
C ILE B 10 14.32 -9.07 0.37
N VAL B 11 14.01 -10.04 -0.48
CA VAL B 11 13.90 -11.45 -0.08
C VAL B 11 14.85 -12.22 -0.96
N ASN B 12 15.99 -12.63 -0.40
CA ASN B 12 16.96 -13.46 -1.13
C ASN B 12 16.78 -14.91 -0.67
N ILE B 13 16.53 -15.81 -1.62
CA ILE B 13 16.35 -17.22 -1.28
C ILE B 13 17.58 -17.78 -0.59
N THR B 14 18.75 -17.26 -0.92
CA THR B 14 20.00 -17.72 -0.32
C THR B 14 20.46 -16.75 0.77
N TYR B 24 19.50 -20.22 4.07
CA TYR B 24 18.67 -20.69 2.98
C TYR B 24 17.19 -20.58 3.30
N LEU B 25 16.45 -19.88 2.45
CA LEU B 25 15.01 -19.77 2.62
C LEU B 25 14.31 -20.88 1.84
N ALA B 26 13.65 -21.77 2.55
CA ALA B 26 12.64 -22.63 1.98
C ALA B 26 11.46 -21.76 1.53
N PRO B 27 10.64 -22.24 0.58
CA PRO B 27 9.59 -21.35 0.04
C PRO B 27 8.66 -20.84 1.10
N ASP B 28 8.22 -21.71 2.01
CA ASP B 28 7.37 -21.29 3.11
C ASP B 28 8.00 -20.16 3.91
N ALA B 29 9.32 -20.22 4.10
CA ALA B 29 10.04 -19.16 4.80
C ALA B 29 10.20 -17.92 3.92
N ALA B 30 10.43 -18.10 2.62
CA ALA B 30 10.50 -16.95 1.72
C ALA B 30 9.16 -16.23 1.64
N ILE B 31 8.07 -17.01 1.57
CA ILE B 31 6.73 -16.43 1.58
C ILE B 31 6.48 -15.70 2.89
N ALA B 32 6.89 -16.30 4.01
CA ALA B 32 6.70 -15.66 5.31
C ALA B 32 7.47 -14.35 5.39
N GLN B 33 8.72 -14.34 4.93
CA GLN B 33 9.48 -13.09 5.01
C GLN B 33 8.93 -12.05 4.07
N ALA B 34 8.44 -12.47 2.90
CA ALA B 34 7.80 -11.52 1.98
C ALA B 34 6.62 -10.82 2.63
N ARG B 35 5.73 -11.60 3.26
CA ARG B 35 4.57 -11.01 3.91
C ARG B 35 4.99 -10.09 5.04
N LYS B 36 6.05 -10.46 5.74
CA LYS B 36 6.58 -9.67 6.84
C LYS B 36 7.08 -8.32 6.35
N LEU B 37 7.84 -8.32 5.25
CA LEU B 37 8.36 -7.08 4.70
C LEU B 37 7.25 -6.14 4.24
N MET B 38 6.20 -6.69 3.62
CA MET B 38 5.05 -5.84 3.26
C MET B 38 4.41 -5.25 4.51
N ALA B 39 4.23 -6.07 5.54
CA ALA B 39 3.67 -5.56 6.79
C ALA B 39 4.57 -4.48 7.39
N GLU B 40 5.88 -4.58 7.20
CA GLU B 40 6.79 -3.60 7.77
C GLU B 40 6.97 -2.36 6.90
N GLY B 41 6.36 -2.30 5.73
CA GLY B 41 6.39 -1.06 5.00
C GLY B 41 6.84 -1.17 3.55
N ALA B 42 7.19 -2.35 3.10
CA ALA B 42 7.50 -2.52 1.68
C ALA B 42 6.25 -2.36 0.83
N ASP B 43 6.45 -1.84 -0.37
CA ASP B 43 5.40 -1.80 -1.39
C ASP B 43 5.53 -2.90 -2.42
N VAL B 44 6.76 -3.38 -2.62
CA VAL B 44 7.09 -4.40 -3.60
C VAL B 44 8.11 -5.33 -2.94
N ILE B 45 8.01 -6.62 -3.23
CA ILE B 45 9.00 -7.59 -2.75
C ILE B 45 9.99 -7.84 -3.89
N ASP B 46 11.25 -7.52 -3.66
CA ASP B 46 12.31 -7.81 -4.62
C ASP B 46 12.86 -9.19 -4.31
N LEU B 47 12.46 -10.16 -5.11
CA LEU B 47 12.76 -11.56 -4.84
C LEU B 47 13.98 -11.96 -5.65
N GLY B 48 15.04 -12.38 -4.96
CA GLY B 48 16.26 -12.76 -5.62
C GLY B 48 16.60 -14.22 -5.38
N PRO B 49 16.60 -15.03 -6.45
CA PRO B 49 16.86 -16.46 -6.28
C PRO B 49 18.33 -16.84 -6.12
N ALA B 50 19.27 -15.94 -6.42
CA ALA B 50 20.70 -16.25 -6.38
C ALA B 50 21.46 -15.21 -5.55
N SER B 51 22.79 -15.23 -5.53
CA SER B 51 23.48 -14.06 -4.98
C SER B 51 24.58 -13.52 -5.84
N SER B 52 24.39 -12.26 -6.16
CA SER B 52 25.24 -11.27 -6.78
C SER B 52 26.01 -10.43 -5.77
N ASN B 53 26.56 -11.03 -4.72
CA ASN B 53 27.49 -10.35 -3.83
C ASN B 53 28.82 -10.25 -4.56
N PRO B 54 29.88 -9.73 -3.93
CA PRO B 54 31.20 -9.95 -4.53
C PRO B 54 31.57 -11.42 -4.52
N ASP B 55 31.08 -12.20 -3.55
CA ASP B 55 31.47 -13.59 -3.44
C ASP B 55 30.27 -14.48 -3.19
N ALA B 56 29.59 -14.80 -4.27
CA ALA B 56 28.54 -15.79 -4.19
C ALA B 56 28.52 -16.57 -5.49
N ALA B 57 28.30 -17.87 -5.37
CA ALA B 57 28.39 -18.80 -6.49
C ALA B 57 27.15 -18.74 -7.38
N PRO B 58 27.30 -19.14 -8.66
CA PRO B 58 26.22 -18.97 -9.64
C PRO B 58 25.42 -20.23 -9.89
N VAL B 59 24.10 -20.14 -9.86
CA VAL B 59 23.28 -21.31 -10.12
C VAL B 59 22.64 -21.17 -11.50
N SER B 60 22.18 -22.31 -12.00
CA SER B 60 21.56 -22.32 -13.32
C SER B 60 20.22 -21.59 -13.30
N SER B 61 19.81 -21.17 -14.50
CA SER B 61 18.48 -20.59 -14.68
C SER B 61 17.39 -21.54 -14.21
N ASP B 62 17.55 -22.84 -14.47
CA ASP B 62 16.58 -23.82 -13.98
C ASP B 62 16.46 -23.75 -12.45
N THR B 63 17.59 -23.62 -11.77
CA THR B 63 17.57 -23.55 -10.31
C THR B 63 16.89 -22.28 -9.84
N GLU B 64 17.17 -21.15 -10.49
CA GLU B 64 16.53 -19.90 -10.13
C GLU B 64 15.01 -20.01 -10.25
N ILE B 65 14.53 -20.57 -11.37
CA ILE B 65 13.10 -20.70 -11.58
C ILE B 65 12.47 -21.61 -10.55
N ALA B 66 13.11 -22.75 -10.27
CA ALA B 66 12.56 -23.68 -9.30
C ALA B 66 12.46 -23.03 -7.93
N ARG B 67 13.43 -22.17 -7.58
CA ARG B 67 13.39 -21.54 -6.28
C ARG B 67 12.29 -20.50 -6.16
N ILE B 68 11.97 -19.79 -7.26
CA ILE B 68 10.99 -18.71 -7.18
C ILE B 68 9.57 -19.17 -7.52
N ALA B 69 9.41 -20.31 -8.20
CA ALA B 69 8.08 -20.69 -8.69
C ALA B 69 7.04 -20.78 -7.57
N PRO B 70 7.24 -21.56 -6.50
CA PRO B 70 6.19 -21.60 -5.46
C PRO B 70 6.04 -20.28 -4.72
N VAL B 71 7.13 -19.51 -4.58
CA VAL B 71 7.02 -18.21 -3.93
C VAL B 71 6.17 -17.26 -4.76
N LEU B 72 6.38 -17.25 -6.08
CA LEU B 72 5.52 -16.42 -6.92
C LEU B 72 4.06 -16.87 -6.84
N ASP B 73 3.81 -18.18 -6.81
CA ASP B 73 2.45 -18.66 -6.60
C ASP B 73 1.78 -17.93 -5.43
N ALA B 74 2.44 -17.93 -4.28
CA ALA B 74 1.83 -17.40 -3.06
C ALA B 74 1.73 -15.88 -3.11
N LEU B 75 2.80 -15.21 -3.54
CA LEU B 75 2.77 -13.75 -3.53
C LEU B 75 1.74 -13.20 -4.51
N LYS B 76 1.56 -13.92 -5.62
CA LYS B 76 0.56 -13.53 -6.62
C LYS B 76 -0.83 -13.66 -6.01
N ALA B 77 -1.08 -14.78 -5.31
CA ALA B 77 -2.38 -15.00 -4.67
C ALA B 77 -2.64 -13.96 -3.59
N ASP B 78 -1.60 -13.49 -2.92
CA ASP B 78 -1.73 -12.45 -1.91
C ASP B 78 -1.83 -11.05 -2.48
N GLY B 79 -1.72 -10.89 -3.81
CA GLY B 79 -1.71 -9.56 -4.37
C GLY B 79 -0.50 -8.74 -4.00
N ILE B 80 0.63 -9.39 -3.74
CA ILE B 80 1.86 -8.72 -3.36
C ILE B 80 2.66 -8.43 -4.64
N PRO B 81 2.90 -7.18 -4.99
CA PRO B 81 3.67 -6.91 -6.20
C PRO B 81 5.10 -7.41 -6.05
N VAL B 82 5.62 -8.00 -7.14
CA VAL B 82 6.91 -8.68 -7.10
C VAL B 82 7.84 -8.06 -8.13
N SER B 83 9.07 -7.80 -7.73
CA SER B 83 10.17 -7.50 -8.62
C SER B 83 11.11 -8.69 -8.59
N LEU B 84 11.42 -9.25 -9.75
CA LEU B 84 12.32 -10.40 -9.83
C LEU B 84 13.74 -9.90 -10.04
N ASP B 85 14.61 -10.17 -9.07
CA ASP B 85 16.01 -9.78 -9.12
C ASP B 85 16.81 -10.95 -9.71
N SER B 86 16.96 -10.94 -11.04
CA SER B 86 17.75 -11.94 -11.75
C SER B 86 18.35 -11.31 -12.99
N TYR B 87 19.57 -11.71 -13.32
CA TYR B 87 20.21 -11.27 -14.55
C TYR B 87 20.16 -12.32 -15.65
N GLN B 88 19.50 -13.45 -15.42
CA GLN B 88 19.49 -14.52 -16.39
C GLN B 88 18.24 -14.38 -17.27
N PRO B 89 18.39 -14.18 -18.57
CA PRO B 89 17.20 -13.93 -19.40
C PRO B 89 16.18 -15.06 -19.37
N ALA B 90 16.60 -16.32 -19.23
CA ALA B 90 15.63 -17.39 -19.11
C ALA B 90 14.80 -17.24 -17.84
N THR B 91 15.42 -16.84 -16.73
CA THR B 91 14.67 -16.60 -15.51
C THR B 91 13.75 -15.40 -15.68
N GLN B 92 14.24 -14.33 -16.30
CA GLN B 92 13.42 -13.15 -16.55
C GLN B 92 12.23 -13.50 -17.43
N ALA B 93 12.44 -14.30 -18.47
CA ALA B 93 11.32 -14.70 -19.33
C ALA B 93 10.27 -15.47 -18.53
N TYR B 94 10.71 -16.37 -17.65
CA TYR B 94 9.77 -17.09 -16.79
C TYR B 94 8.96 -16.11 -15.95
N ALA B 95 9.64 -15.15 -15.33
CA ALA B 95 8.95 -14.18 -14.48
C ALA B 95 7.97 -13.34 -15.28
N LEU B 96 8.35 -12.89 -16.47
CA LEU B 96 7.40 -12.16 -17.31
C LEU B 96 6.16 -12.98 -17.60
N SER B 97 6.33 -14.29 -17.88
CA SER B 97 5.18 -15.12 -18.19
C SER B 97 4.26 -15.29 -16.98
N ARG B 98 4.78 -15.08 -15.77
CA ARG B 98 3.95 -15.08 -14.57
C ARG B 98 3.47 -13.68 -14.19
N GLY B 99 3.76 -12.67 -15.01
CA GLY B 99 3.17 -11.35 -14.79
C GLY B 99 3.70 -10.58 -13.60
N VAL B 100 5.00 -10.68 -13.32
CA VAL B 100 5.58 -9.91 -12.23
C VAL B 100 5.48 -8.41 -12.55
N ALA B 101 5.51 -7.60 -11.50
CA ALA B 101 5.42 -6.16 -11.66
C ALA B 101 6.72 -5.55 -12.19
N TYR B 102 7.87 -6.11 -11.82
CA TYR B 102 9.16 -5.57 -12.23
C TYR B 102 10.14 -6.69 -12.54
N LEU B 103 11.06 -6.40 -13.47
CA LEU B 103 12.31 -7.12 -13.59
C LEU B 103 13.42 -6.21 -13.09
N ASN B 104 14.29 -6.75 -12.22
CA ASN B 104 15.42 -6.04 -11.64
C ASN B 104 16.69 -6.75 -12.10
N ASP B 105 17.42 -6.13 -13.02
CA ASP B 105 18.58 -6.76 -13.65
C ASP B 105 19.84 -5.99 -13.28
N ILE B 106 20.73 -6.64 -12.51
CA ILE B 106 22.00 -6.01 -12.16
C ILE B 106 22.91 -5.84 -13.36
N ARG B 107 22.57 -6.46 -14.50
CA ARG B 107 23.27 -6.24 -15.76
C ARG B 107 22.62 -5.18 -16.63
N GLY B 108 21.44 -4.69 -16.25
CA GLY B 108 20.80 -3.61 -16.99
C GLY B 108 20.25 -4.01 -18.34
N PHE B 109 19.90 -5.29 -18.52
CA PHE B 109 19.32 -5.82 -19.75
C PHE B 109 20.25 -5.57 -20.94
N PRO B 110 21.44 -6.17 -20.95
CA PRO B 110 22.37 -5.97 -22.06
C PRO B 110 22.13 -6.90 -23.24
N ASP B 111 21.19 -7.83 -23.14
CA ASP B 111 21.04 -8.90 -24.12
C ASP B 111 19.92 -8.52 -25.07
N ALA B 112 20.30 -8.00 -26.24
CA ALA B 112 19.32 -7.50 -27.20
C ALA B 112 18.46 -8.61 -27.78
N ALA B 113 18.90 -9.87 -27.72
CA ALA B 113 18.07 -10.96 -28.20
C ALA B 113 16.82 -11.15 -27.35
N PHE B 114 16.85 -10.67 -26.10
CA PHE B 114 15.71 -10.71 -25.20
C PHE B 114 14.78 -9.50 -25.34
N TYR B 115 15.19 -8.48 -26.09
CA TYR B 115 14.37 -7.26 -26.16
C TYR B 115 12.98 -7.50 -26.76
N PRO B 116 12.80 -8.34 -27.79
CA PRO B 116 11.42 -8.58 -28.26
C PRO B 116 10.49 -9.10 -27.19
N GLN B 117 10.98 -9.98 -26.30
CA GLN B 117 10.13 -10.48 -25.23
C GLN B 117 9.88 -9.40 -24.19
N LEU B 118 10.89 -8.57 -23.91
CA LEU B 118 10.67 -7.43 -23.02
C LEU B 118 9.64 -6.47 -23.59
N ALA B 119 9.69 -6.24 -24.90
CA ALA B 119 8.78 -5.28 -25.52
C ALA B 119 7.33 -5.74 -25.43
N LYS B 120 7.09 -7.04 -25.34
CA LYS B 120 5.74 -7.59 -25.31
C LYS B 120 5.17 -7.70 -23.90
N SER B 121 5.92 -7.31 -22.88
CA SER B 121 5.44 -7.35 -21.50
C SER B 121 5.08 -5.95 -21.02
N SER B 122 4.26 -5.90 -19.97
CA SER B 122 3.90 -4.68 -19.28
C SER B 122 4.81 -4.37 -18.10
N ALA B 123 5.67 -5.31 -17.73
CA ALA B 123 6.46 -5.19 -16.50
C ALA B 123 7.41 -4.00 -16.56
N LYS B 124 7.57 -3.32 -15.44
CA LYS B 124 8.56 -2.27 -15.37
C LYS B 124 9.95 -2.88 -15.20
N LEU B 125 10.97 -2.13 -15.61
CA LEU B 125 12.33 -2.64 -15.71
C LEU B 125 13.26 -1.77 -14.87
N VAL B 126 13.88 -2.37 -13.85
CA VAL B 126 14.91 -1.68 -13.09
C VAL B 126 16.24 -1.94 -13.77
N VAL B 127 16.77 -0.90 -14.42
CA VAL B 127 17.96 -0.97 -15.25
C VAL B 127 19.14 -0.52 -14.40
N MET B 128 20.00 -1.44 -13.98
CA MET B 128 21.10 -1.08 -13.10
C MET B 128 22.40 -0.93 -13.87
N HIS B 129 23.16 0.12 -13.52
CA HIS B 129 24.52 0.32 -13.99
C HIS B 129 25.51 -0.39 -13.07
N SER B 130 26.58 -0.92 -13.66
CA SER B 130 27.70 -1.41 -12.86
C SER B 130 28.98 -1.19 -13.65
N VAL B 131 30.09 -1.06 -12.94
CA VAL B 131 31.39 -1.01 -13.62
C VAL B 131 31.84 -2.37 -14.12
N GLN B 132 31.19 -3.45 -13.66
CA GLN B 132 31.50 -4.80 -14.14
C GLN B 132 30.70 -5.18 -15.37
N ASP B 133 29.49 -4.61 -15.53
CA ASP B 133 28.48 -5.11 -16.46
C ASP B 133 28.02 -6.51 -16.07
N GLY B 134 27.98 -6.79 -14.77
CA GLY B 134 27.58 -8.11 -14.31
C GLY B 134 27.74 -8.25 -12.81
N GLN B 135 27.95 -9.48 -12.36
CA GLN B 135 28.05 -9.78 -10.94
C GLN B 135 29.12 -8.92 -10.27
N ALA B 136 28.86 -8.54 -9.03
CA ALA B 136 29.74 -7.62 -8.31
C ALA B 136 31.12 -8.23 -8.14
N ASP B 137 32.14 -7.38 -8.28
CA ASP B 137 33.52 -7.77 -7.97
C ASP B 137 34.21 -6.57 -7.33
N ARG B 138 35.53 -6.63 -7.19
CA ARG B 138 36.26 -5.65 -6.40
C ARG B 138 37.17 -4.74 -7.23
N ARG B 139 37.12 -4.86 -8.56
CA ARG B 139 37.77 -3.91 -9.45
C ARG B 139 37.44 -2.47 -9.07
N GLU B 140 38.24 -1.50 -9.51
CA GLU B 140 37.91 -0.10 -9.27
C GLU B 140 37.34 0.55 -10.53
N ALA B 141 36.79 1.74 -10.32
CA ALA B 141 35.97 2.42 -11.30
C ALA B 141 36.81 2.99 -12.44
N PRO B 142 36.20 3.34 -13.57
CA PRO B 142 36.96 3.93 -14.67
C PRO B 142 37.42 5.34 -14.33
N ALA B 143 38.38 5.82 -15.11
CA ALA B 143 38.92 7.15 -14.91
C ALA B 143 37.90 8.21 -15.31
N GLY B 144 37.83 9.28 -14.53
CA GLY B 144 36.85 10.32 -14.77
C GLY B 144 35.70 10.27 -13.80
N ASP B 145 34.75 11.16 -14.02
CA ASP B 145 33.59 11.30 -13.14
C ASP B 145 32.69 10.08 -13.27
N ILE B 146 32.48 9.36 -12.15
CA ILE B 146 31.59 8.20 -12.15
C ILE B 146 30.21 8.56 -12.68
N MET B 147 29.75 9.80 -12.41
CA MET B 147 28.43 10.20 -12.89
C MET B 147 28.39 10.30 -14.41
N ASP B 148 29.52 10.64 -15.04
CA ASP B 148 29.57 10.66 -16.50
C ASP B 148 29.49 9.25 -17.07
N HIS B 149 30.21 8.32 -16.45
CA HIS B 149 30.18 6.94 -16.91
C HIS B 149 28.80 6.32 -16.73
N ILE B 150 28.11 6.70 -15.65
CA ILE B 150 26.75 6.22 -15.44
C ILE B 150 25.80 6.84 -16.46
N ALA B 151 25.93 8.16 -16.67
CA ALA B 151 25.08 8.83 -17.66
C ALA B 151 25.30 8.27 -19.05
N ALA B 152 26.56 8.04 -19.43
CA ALA B 152 26.85 7.48 -20.75
C ALA B 152 26.28 6.08 -20.89
N PHE B 153 26.36 5.28 -19.83
CA PHE B 153 25.78 3.94 -19.87
C PHE B 153 24.28 4.01 -20.12
N PHE B 154 23.58 4.90 -19.39
CA PHE B 154 22.13 5.00 -19.52
C PHE B 154 21.74 5.64 -20.84
N ASP B 155 22.53 6.60 -21.35
CA ASP B 155 22.31 7.10 -22.70
C ASP B 155 22.20 5.96 -23.69
N ALA B 156 23.19 5.07 -23.69
CA ALA B 156 23.25 3.99 -24.66
C ALA B 156 22.17 2.95 -24.40
N ARG B 157 21.97 2.56 -23.13
CA ARG B 157 21.06 1.45 -22.86
C ARG B 157 19.59 1.88 -22.92
N ILE B 158 19.27 3.11 -22.52
CA ILE B 158 17.90 3.59 -22.71
C ILE B 158 17.59 3.66 -24.19
N ALA B 159 18.55 4.15 -24.99
CA ALA B 159 18.37 4.21 -26.44
C ALA B 159 18.18 2.81 -27.02
N ALA B 160 18.95 1.84 -26.53
CA ALA B 160 18.82 0.48 -27.04
C ALA B 160 17.48 -0.12 -26.68
N LEU B 161 17.05 0.04 -25.42
CA LEU B 161 15.78 -0.53 -24.97
C LEU B 161 14.60 0.16 -25.64
N THR B 162 14.54 1.49 -25.61
CA THR B 162 13.42 2.15 -26.27
C THR B 162 13.47 1.92 -27.77
N GLY B 163 14.66 1.77 -28.34
CA GLY B 163 14.79 1.45 -29.74
C GLY B 163 14.19 0.10 -30.13
N ALA B 164 14.05 -0.81 -29.18
CA ALA B 164 13.45 -2.10 -29.48
C ALA B 164 11.95 -2.15 -29.19
N GLY B 165 11.34 -1.01 -28.88
CA GLY B 165 9.92 -0.97 -28.59
C GLY B 165 9.56 -1.10 -27.13
N ILE B 166 10.52 -0.98 -26.21
CA ILE B 166 10.23 -0.92 -24.79
C ILE B 166 9.93 0.52 -24.45
N LYS B 167 8.72 0.78 -23.99
CA LYS B 167 8.30 2.15 -23.80
C LYS B 167 9.07 2.78 -22.63
N ARG B 168 9.45 4.04 -22.83
CA ARG B 168 10.40 4.69 -21.94
C ARG B 168 9.91 4.71 -20.50
N ASN B 169 8.59 4.90 -20.31
CA ASN B 169 8.03 5.04 -18.98
C ASN B 169 8.02 3.74 -18.18
N ARG B 170 8.45 2.62 -18.76
CA ARG B 170 8.62 1.39 -18.00
C ARG B 170 9.94 1.35 -17.27
N LEU B 171 10.83 2.30 -17.52
CA LEU B 171 12.22 2.22 -17.08
C LEU B 171 12.42 2.91 -15.74
N VAL B 172 13.12 2.20 -14.85
CA VAL B 172 13.61 2.73 -13.58
C VAL B 172 15.12 2.61 -13.61
N LEU B 173 15.83 3.68 -13.28
CA LEU B 173 17.28 3.68 -13.36
C LEU B 173 17.88 3.46 -11.98
N ASP B 174 18.82 2.52 -11.91
CA ASP B 174 19.59 2.29 -10.69
C ASP B 174 21.06 2.51 -11.03
N PRO B 175 21.72 3.52 -10.44
CA PRO B 175 23.11 3.81 -10.84
C PRO B 175 24.11 2.76 -10.38
N GLY B 176 23.68 1.76 -9.62
CA GLY B 176 24.59 0.86 -8.96
C GLY B 176 25.10 1.43 -7.65
N MET B 177 25.60 0.55 -6.79
CA MET B 177 26.07 1.00 -5.51
C MET B 177 27.06 -0.01 -4.97
N GLY B 178 27.99 0.46 -4.15
CA GLY B 178 28.94 -0.46 -3.51
C GLY B 178 29.96 -1.00 -4.48
N PHE B 179 30.19 -2.31 -4.42
CA PHE B 179 31.18 -2.93 -5.30
C PHE B 179 30.76 -2.94 -6.77
N PHE B 180 29.48 -2.68 -7.06
CA PHE B 180 29.09 -2.42 -8.45
C PHE B 180 29.72 -1.14 -8.99
N LEU B 181 30.29 -0.31 -8.13
CA LEU B 181 30.92 0.94 -8.53
C LEU B 181 32.43 0.93 -8.33
N GLY B 182 33.00 -0.18 -7.89
CA GLY B 182 34.41 -0.25 -7.57
C GLY B 182 34.64 -0.33 -6.06
N ALA B 183 35.92 -0.48 -5.70
CA ALA B 183 36.28 -0.77 -4.32
C ALA B 183 36.35 0.46 -3.44
N ALA B 184 36.40 1.66 -4.01
CA ALA B 184 36.53 2.86 -3.19
C ALA B 184 35.18 3.23 -2.59
N PRO B 185 35.10 3.44 -1.26
CA PRO B 185 33.84 3.95 -0.70
C PRO B 185 33.46 5.31 -1.24
N GLU B 186 34.42 6.12 -1.68
CA GLU B 186 34.11 7.45 -2.19
C GLU B 186 33.27 7.40 -3.46
N THR B 187 33.45 6.37 -4.29
CA THR B 187 32.64 6.27 -5.50
C THR B 187 31.16 6.09 -5.16
N SER B 188 30.85 5.24 -4.17
CA SER B 188 29.48 5.07 -3.74
C SER B 188 28.93 6.35 -3.11
N LEU B 189 29.77 7.06 -2.36
CA LEU B 189 29.31 8.28 -1.72
C LEU B 189 29.01 9.36 -2.75
N SER B 190 29.79 9.43 -3.82
CA SER B 190 29.50 10.38 -4.90
C SER B 190 28.14 10.09 -5.52
N VAL B 191 27.87 8.82 -5.81
CA VAL B 191 26.60 8.44 -6.42
C VAL B 191 25.44 8.71 -5.47
N LEU B 192 25.61 8.33 -4.19
CA LEU B 192 24.56 8.59 -3.22
C LEU B 192 24.27 10.08 -3.10
N ALA B 193 25.31 10.91 -3.26
CA ALA B 193 25.12 12.35 -3.13
C ALA B 193 24.60 12.99 -4.42
N ARG B 194 24.85 12.39 -5.58
CA ARG B 194 24.64 13.07 -6.85
C ARG B 194 23.64 12.38 -7.78
N PHE B 195 22.96 11.32 -7.32
CA PHE B 195 22.08 10.57 -8.20
C PHE B 195 20.95 11.43 -8.77
N ASP B 196 20.59 12.55 -8.13
CA ASP B 196 19.55 13.40 -8.70
C ASP B 196 19.93 13.90 -10.08
N GLU B 197 21.23 13.97 -10.38
CA GLU B 197 21.66 14.36 -11.73
C GLU B 197 21.06 13.44 -12.77
N LEU B 198 20.95 12.14 -12.46
CA LEU B 198 20.36 11.21 -13.41
C LEU B 198 18.86 11.43 -13.55
N ARG B 199 18.17 11.70 -12.44
CA ARG B 199 16.74 12.00 -12.47
C ARG B 199 16.43 13.13 -13.43
N LEU B 200 17.19 14.21 -13.36
CA LEU B 200 16.88 15.35 -14.21
C LEU B 200 17.38 15.18 -15.63
N ARG B 201 18.44 14.40 -15.84
CA ARG B 201 18.94 14.26 -17.20
C ARG B 201 18.03 13.37 -18.04
N PHE B 202 17.46 12.33 -17.44
CA PHE B 202 16.65 11.38 -18.20
C PHE B 202 15.15 11.50 -17.93
N ASP B 203 14.75 12.31 -16.96
CA ASP B 203 13.34 12.42 -16.58
C ASP B 203 12.75 11.04 -16.30
N LEU B 204 13.49 10.22 -15.59
CA LEU B 204 13.07 8.90 -15.18
C LEU B 204 13.34 8.71 -13.69
N PRO B 205 12.56 7.89 -13.01
CA PRO B 205 12.79 7.67 -11.58
C PRO B 205 14.06 6.86 -11.34
N VAL B 206 14.62 7.03 -10.14
CA VAL B 206 15.86 6.41 -9.75
C VAL B 206 15.62 5.52 -8.54
N LEU B 207 16.18 4.31 -8.57
CA LEU B 207 16.18 3.39 -7.45
C LEU B 207 17.59 3.27 -6.90
N LEU B 208 17.71 3.28 -5.58
CA LEU B 208 19.00 3.05 -4.93
C LEU B 208 18.90 1.88 -3.97
N SER B 209 20.00 1.13 -3.86
CA SER B 209 20.10 0.01 -2.93
C SER B 209 21.43 0.15 -2.19
N VAL B 210 21.40 0.77 -1.01
CA VAL B 210 22.59 0.88 -0.18
C VAL B 210 22.61 -0.16 0.94
N SER B 211 21.47 -0.78 1.24
CA SER B 211 21.31 -1.62 2.42
C SER B 211 22.42 -2.65 2.57
N ARG B 212 23.13 -2.57 3.70
CA ARG B 212 24.17 -3.51 4.14
C ARG B 212 25.34 -3.62 3.18
N LYS B 213 25.56 -2.66 2.30
CA LYS B 213 26.67 -2.77 1.38
C LYS B 213 27.99 -2.43 2.09
N SER B 214 29.08 -2.97 1.57
CA SER B 214 30.33 -2.93 2.33
C SER B 214 30.88 -1.53 2.52
N PHE B 215 30.56 -0.56 1.67
CA PHE B 215 31.13 0.77 1.87
C PHE B 215 30.62 1.41 3.15
N LEU B 216 29.41 1.04 3.59
CA LEU B 216 28.92 1.52 4.88
C LEU B 216 29.73 0.96 6.03
N ARG B 217 30.27 -0.25 5.86
CA ARG B 217 31.14 -0.83 6.90
C ARG B 217 32.43 -0.03 7.04
N ALA B 218 32.95 0.50 5.94
CA ALA B 218 34.13 1.35 6.02
C ALA B 218 33.89 2.56 6.92
N LEU B 219 32.64 3.00 7.06
CA LEU B 219 32.32 4.14 7.90
C LEU B 219 31.85 3.78 9.30
N THR B 220 31.32 2.58 9.54
CA THR B 220 31.04 2.22 10.92
C THR B 220 32.32 1.88 11.68
N GLY B 221 33.33 1.36 10.98
CA GLY B 221 34.54 0.89 11.63
C GLY B 221 34.39 -0.44 12.30
N ARG B 222 33.22 -1.05 12.12
CA ARG B 222 32.92 -2.28 12.76
C ARG B 222 32.93 -3.49 11.89
N GLY B 223 33.53 -3.33 10.73
CA GLY B 223 33.68 -4.40 9.77
C GLY B 223 32.43 -5.21 9.55
N PRO B 224 32.50 -6.49 9.89
CA PRO B 224 31.40 -7.44 9.73
C PRO B 224 30.19 -7.19 10.62
N GLY B 225 30.31 -6.39 11.67
CA GLY B 225 29.17 -6.11 12.50
C GLY B 225 28.04 -5.30 11.83
N ASP B 226 26.85 -5.42 12.39
CA ASP B 226 25.68 -4.68 12.09
C ASP B 226 25.84 -3.27 11.72
N VAL B 227 25.24 -3.10 10.60
CA VAL B 227 25.28 -1.83 9.86
C VAL B 227 23.88 -1.28 9.55
N GLY B 228 22.91 -1.56 10.42
CA GLY B 228 21.58 -1.03 10.21
C GLY B 228 21.50 0.49 10.35
N ALA B 229 22.27 1.06 11.29
CA ALA B 229 22.22 2.50 11.52
C ALA B 229 22.81 3.28 10.35
N ALA B 230 23.98 2.85 9.86
CA ALA B 230 24.57 3.51 8.70
C ALA B 230 23.67 3.36 7.48
N THR B 231 23.07 2.18 7.32
CA THR B 231 22.10 1.96 6.24
C THR B 231 20.95 2.94 6.33
N LEU B 232 20.37 3.10 7.52
CA LEU B 232 19.26 4.03 7.69
C LEU B 232 19.68 5.45 7.33
N ALA B 233 20.85 5.88 7.80
CA ALA B 233 21.31 7.23 7.50
C ALA B 233 21.44 7.45 6.00
N ALA B 234 22.04 6.48 5.30
CA ALA B 234 22.19 6.58 3.86
C ALA B 234 20.84 6.57 3.14
N GLU B 235 19.91 5.73 3.62
CA GLU B 235 18.59 5.66 3.00
C GLU B 235 17.81 6.95 3.21
N LEU B 236 17.88 7.54 4.40
CA LEU B 236 17.21 8.81 4.63
C LEU B 236 17.83 9.93 3.80
N ALA B 237 19.16 9.93 3.66
CA ALA B 237 19.79 10.92 2.79
C ALA B 237 19.30 10.78 1.36
N ALA B 238 19.13 9.54 0.90
CA ALA B 238 18.65 9.30 -0.47
C ALA B 238 17.20 9.75 -0.62
N ALA B 239 16.36 9.42 0.35
CA ALA B 239 14.98 9.89 0.33
C ALA B 239 14.93 11.41 0.31
N ALA B 240 15.68 12.05 1.21
CA ALA B 240 15.72 13.50 1.26
C ALA B 240 16.28 14.09 -0.04
N GLY B 241 17.16 13.35 -0.72
CA GLY B 241 17.73 13.76 -1.97
C GLY B 241 16.92 13.45 -3.20
N GLY B 242 15.73 12.85 -3.04
CA GLY B 242 14.80 12.67 -4.14
C GLY B 242 14.67 11.26 -4.69
N ALA B 243 15.30 10.27 -4.06
CA ALA B 243 15.21 8.91 -4.57
C ALA B 243 13.75 8.50 -4.69
N ASP B 244 13.40 7.88 -5.82
CA ASP B 244 12.03 7.47 -6.05
C ASP B 244 11.74 6.08 -5.53
N PHE B 245 12.74 5.20 -5.54
CA PHE B 245 12.64 3.87 -4.98
C PHE B 245 13.85 3.63 -4.08
N ILE B 246 13.63 2.88 -3.00
CA ILE B 246 14.72 2.38 -2.18
C ILE B 246 14.52 0.88 -1.99
N ARG B 247 15.57 0.12 -2.28
CA ARG B 247 15.55 -1.33 -2.12
C ARG B 247 16.31 -1.65 -0.85
N THR B 248 15.66 -2.30 0.11
CA THR B 248 16.24 -2.42 1.44
C THR B 248 15.88 -3.75 2.07
N HIS B 249 16.71 -4.17 3.04
CA HIS B 249 16.42 -5.36 3.83
C HIS B 249 15.43 -5.08 4.94
N GLU B 250 15.36 -3.84 5.43
CA GLU B 250 14.58 -3.49 6.62
C GLU B 250 13.72 -2.26 6.35
N PRO B 251 12.51 -2.45 5.84
CA PRO B 251 11.62 -1.30 5.57
C PRO B 251 11.15 -0.58 6.81
N ARG B 252 11.01 -1.28 7.95
CA ARG B 252 10.37 -0.67 9.10
C ARG B 252 11.17 0.51 9.66
N PRO B 253 12.47 0.40 9.93
CA PRO B 253 13.20 1.61 10.38
C PRO B 253 13.16 2.73 9.36
N LEU B 254 13.20 2.39 8.07
CA LEU B 254 13.12 3.42 7.04
C LEU B 254 11.78 4.15 7.11
N ARG B 255 10.68 3.41 7.16
CA ARG B 255 9.37 4.04 7.29
C ARG B 255 9.30 4.92 8.53
N ASP B 256 9.88 4.45 9.65
CA ASP B 256 9.91 5.27 10.87
C ASP B 256 10.69 6.55 10.66
N GLY B 257 11.88 6.44 10.08
CA GLY B 257 12.67 7.64 9.81
C GLY B 257 11.96 8.59 8.86
N LEU B 258 11.35 8.03 7.81
CA LEU B 258 10.60 8.87 6.87
C LEU B 258 9.42 9.56 7.55
N ALA B 259 8.80 8.90 8.54
CA ALA B 259 7.72 9.54 9.28
C ALA B 259 8.21 10.77 10.03
N VAL B 260 9.42 10.71 10.60
CA VAL B 260 9.98 11.87 11.28
C VAL B 260 10.21 13.00 10.28
N LEU B 261 10.81 12.68 9.13
CA LEU B 261 11.09 13.70 8.14
C LEU B 261 9.79 14.29 7.58
N ALA B 262 8.80 13.44 7.32
CA ALA B 262 7.50 13.93 6.87
C ALA B 262 6.88 14.88 7.90
N ALA B 263 6.94 14.51 9.18
CA ALA B 263 6.36 15.37 10.22
C ALA B 263 7.13 16.68 10.33
N LEU B 264 8.45 16.63 10.15
CA LEU B 264 9.27 17.83 10.13
C LEU B 264 8.94 18.71 8.93
N LYS B 265 9.01 18.13 7.73
CA LYS B 265 8.60 18.78 6.49
C LYS B 265 7.30 19.53 6.68
N GLU B 266 6.32 18.83 7.24
CA GLU B 266 5.01 19.42 7.49
C GLU B 266 5.09 20.70 8.31
N THR B 267 6.11 20.84 9.16
CA THR B 267 6.21 22.06 9.95
C THR B 267 6.78 23.22 9.15
N ALA B 268 7.57 22.92 8.11
CA ALA B 268 8.24 23.95 7.31
C ALA B 268 7.24 24.74 6.49
N ARG B 269 6.14 24.12 6.11
CA ARG B 269 5.08 24.72 5.33
C ARG B 269 3.72 24.55 5.99
N ILE B 270 3.49 23.46 6.70
CA ILE B 270 2.15 23.28 7.26
C ILE B 270 2.17 23.32 8.79
#